data_2LOD
#
_entry.id   2LOD
#
_entity_poly.entity_id   1
_entity_poly.type   'polydeoxyribonucleotide'
_entity_poly.pdbx_seq_one_letter_code
;(DG)(DG)(DG)(DA)(DT)(DG)(DG)(DG)(DA)(DC)(DA)(DC)(DA)(DG)(DG)(DG)(DG)(DA)(DC)(DG)
(DG)(DG)
;
_entity_poly.pdbx_strand_id   A
#
loop_
_chem_comp.id
_chem_comp.type
_chem_comp.name
_chem_comp.formula
DA DNA linking 2'-DEOXYADENOSINE-5'-MONOPHOSPHATE 'C10 H14 N5 O6 P'
DC DNA linking 2'-DEOXYCYTIDINE-5'-MONOPHOSPHATE 'C9 H14 N3 O7 P'
DG DNA linking 2'-DEOXYGUANOSINE-5'-MONOPHOSPHATE 'C10 H14 N5 O7 P'
DT DNA linking THYMIDINE-5'-MONOPHOSPHATE 'C10 H15 N2 O8 P'
#